data_4TKC
#
_entry.id   4TKC
#
_cell.length_a   58.420
_cell.length_b   58.420
_cell.length_c   57.732
_cell.angle_alpha   90.00
_cell.angle_beta   90.00
_cell.angle_gamma   120.00
#
_symmetry.space_group_name_H-M   'P 32 2 1'
#
loop_
_entity.id
_entity.type
_entity.pdbx_description
1 polymer 'Mannose recognizing lectin'
2 non-polymer beta-D-mannopyranose
3 non-polymer GLYCEROL
4 non-polymer alpha-D-mannopyranose
5 water water
#
_entity_poly.entity_id   1
_entity_poly.type   'polypeptide(L)'
_entity_poly.pdbx_seq_one_letter_code
;MSYVHPYGSTLPENGVIGRGYALISDSGRVEFRVTDEGNIQLFLDDSRKLWSVDGKNASFVKMQTDGNCVGYDPNGTAVW
HTATNGDDHPYNLVCQNDGNLVVYAKGGKAVWHTNTAVVH
;
_entity_poly.pdbx_strand_id   A
#
loop_
_chem_comp.id
_chem_comp.type
_chem_comp.name
_chem_comp.formula
BMA D-saccharide, beta linking beta-D-mannopyranose 'C6 H12 O6'
GOL non-polymer GLYCEROL 'C3 H8 O3'
MAN D-saccharide, alpha linking alpha-D-mannopyranose 'C6 H12 O6'
#
# COMPACT_ATOMS: atom_id res chain seq x y z
N SER A 2 14.15 0.43 10.69
CA SER A 2 13.88 0.72 9.26
C SER A 2 13.16 -0.46 8.64
N TYR A 3 12.59 -0.19 7.48
CA TYR A 3 11.74 -1.13 6.82
C TYR A 3 12.44 -1.73 5.63
N VAL A 4 12.29 -3.04 5.54
CA VAL A 4 12.78 -3.76 4.39
C VAL A 4 11.84 -3.59 3.17
N HIS A 5 12.42 -3.51 1.98
CA HIS A 5 11.68 -3.26 0.75
C HIS A 5 11.78 -4.44 -0.24
N PRO A 6 10.80 -5.38 -0.18
CA PRO A 6 10.93 -6.59 -1.02
C PRO A 6 10.42 -6.39 -2.42
N TYR A 7 9.86 -5.18 -2.67
CA TYR A 7 9.06 -4.95 -3.87
C TYR A 7 9.38 -3.65 -4.60
N GLY A 8 10.42 -2.93 -4.18
CA GLY A 8 10.61 -1.55 -4.68
C GLY A 8 9.36 -0.71 -4.39
N SER A 9 8.82 -0.11 -5.46
CA SER A 9 7.65 0.77 -5.33
C SER A 9 6.28 0.12 -5.41
N THR A 10 6.25 -1.14 -5.85
CA THR A 10 5.02 -1.67 -6.38
C THR A 10 4.64 -3.06 -5.83
N LEU A 11 3.43 -3.17 -5.32
CA LEU A 11 2.85 -4.43 -4.83
C LEU A 11 1.98 -5.00 -5.93
N PRO A 12 2.47 -6.01 -6.66
CA PRO A 12 1.65 -6.67 -7.68
C PRO A 12 0.64 -7.67 -7.09
N GLU A 13 -0.24 -8.21 -7.93
CA GLU A 13 -1.13 -9.30 -7.50
C GLU A 13 -0.35 -10.42 -6.83
N ASN A 14 -0.95 -10.82 -5.71
CA ASN A 14 -0.34 -11.79 -4.77
C ASN A 14 0.79 -11.23 -3.94
N GLY A 15 1.04 -9.93 -4.07
CA GLY A 15 2.04 -9.31 -3.24
C GLY A 15 1.54 -9.08 -1.82
N VAL A 16 2.45 -9.21 -0.85
CA VAL A 16 2.12 -9.01 0.54
C VAL A 16 3.23 -8.25 1.25
N ILE A 17 2.82 -7.19 1.96
CA ILE A 17 3.69 -6.47 2.89
C ILE A 17 3.33 -6.78 4.34
N GLY A 18 4.26 -7.39 5.09
CA GLY A 18 4.01 -7.58 6.49
C GLY A 18 4.69 -6.57 7.40
N ARG A 19 4.55 -6.73 8.71
CA ARG A 19 5.12 -5.80 9.69
C ARG A 19 6.62 -5.71 9.58
N GLY A 20 7.12 -4.46 9.47
CA GLY A 20 8.53 -4.22 9.25
C GLY A 20 8.96 -4.12 7.78
N TYR A 21 7.98 -4.26 6.87
CA TYR A 21 8.24 -4.17 5.44
C TYR A 21 7.48 -2.96 4.89
N ALA A 22 7.84 -2.57 3.68
CA ALA A 22 7.28 -1.34 3.07
C ALA A 22 7.49 -1.32 1.57
N LEU A 23 6.64 -0.56 0.86
CA LEU A 23 6.98 -0.10 -0.48
C LEU A 23 7.78 1.20 -0.31
N ILE A 24 8.68 1.46 -1.26
CA ILE A 24 9.47 2.69 -1.27
C ILE A 24 9.46 3.28 -2.67
N SER A 25 9.23 4.59 -2.74
CA SER A 25 9.32 5.30 -4.03
C SER A 25 10.76 5.24 -4.57
N ASP A 26 10.87 5.37 -5.88
CA ASP A 26 12.18 5.42 -6.52
C ASP A 26 13.06 6.50 -5.90
N SER A 27 12.44 7.60 -5.52
CA SER A 27 13.14 8.74 -4.93
C SER A 27 13.66 8.46 -3.52
N GLY A 28 13.11 7.43 -2.88
CA GLY A 28 13.41 7.21 -1.47
C GLY A 28 12.57 8.01 -0.48
N ARG A 29 11.80 8.99 -0.97
CA ARG A 29 11.11 9.95 -0.08
C ARG A 29 9.76 9.47 0.42
N VAL A 30 9.15 8.53 -0.30
CA VAL A 30 7.77 8.17 0.01
C VAL A 30 7.75 6.68 0.34
N GLU A 31 7.21 6.34 1.51
CA GLU A 31 7.27 4.96 2.02
C GLU A 31 5.90 4.59 2.53
N PHE A 32 5.45 3.39 2.12
CA PHE A 32 4.18 2.83 2.50
C PHE A 32 4.49 1.61 3.38
N ARG A 33 4.25 1.78 4.68
CA ARG A 33 4.73 0.87 5.71
C ARG A 33 3.61 0.10 6.37
N VAL A 34 3.92 -1.14 6.76
CA VAL A 34 3.11 -1.82 7.78
C VAL A 34 4.00 -1.95 9.02
N THR A 35 3.55 -1.34 10.14
CA THR A 35 4.41 -1.14 11.30
C THR A 35 4.28 -2.28 12.30
N ASP A 36 5.30 -2.40 13.15
CA ASP A 36 5.24 -3.41 14.23
C ASP A 36 4.10 -3.09 15.20
N GLU A 37 3.68 -1.81 15.23
CA GLU A 37 2.55 -1.38 16.04
C GLU A 37 1.20 -1.70 15.34
N GLY A 38 1.25 -2.36 14.17
CA GLY A 38 0.04 -2.73 13.43
C GLY A 38 -0.65 -1.58 12.74
N ASN A 39 0.13 -0.56 12.39
CA ASN A 39 -0.43 0.50 11.58
C ASN A 39 -0.01 0.46 10.13
N ILE A 40 -0.89 0.95 9.25
CA ILE A 40 -0.64 1.03 7.83
C ILE A 40 -0.48 2.52 7.48
N GLN A 41 0.74 2.88 7.07
CA GLN A 41 1.10 4.33 7.05
C GLN A 41 1.92 4.67 5.82
N LEU A 42 1.56 5.83 5.24
CA LEU A 42 2.24 6.39 4.10
C LEU A 42 2.96 7.63 4.62
N PHE A 43 4.29 7.65 4.51
CA PHE A 43 5.12 8.72 5.05
C PHE A 43 5.95 9.37 3.96
N LEU A 44 6.07 10.69 4.09
CA LEU A 44 7.01 11.51 3.32
C LEU A 44 8.23 11.87 4.19
N ASP A 45 9.43 11.65 3.65
CA ASP A 45 10.68 12.00 4.31
C ASP A 45 10.78 11.52 5.76
N ASP A 46 10.22 10.35 6.05
CA ASP A 46 10.25 9.77 7.40
C ASP A 46 9.77 10.80 8.45
N SER A 47 8.88 11.69 8.03
CA SER A 47 8.53 12.85 8.85
C SER A 47 7.01 13.12 8.78
N ARG A 48 6.46 13.10 7.59
CA ARG A 48 5.08 13.59 7.37
C ARG A 48 4.15 12.43 6.99
N LYS A 49 3.21 12.12 7.89
CA LYS A 49 2.21 11.07 7.67
C LYS A 49 1.14 11.56 6.70
N LEU A 50 1.30 11.16 5.45
CA LEU A 50 0.39 11.56 4.39
C LEU A 50 -1.00 10.93 4.53
N TRP A 51 -1.00 9.66 4.94
CA TRP A 51 -2.21 8.85 4.94
C TRP A 51 -1.96 7.66 5.84
N SER A 52 -2.98 7.28 6.59
CA SER A 52 -2.83 6.09 7.43
C SER A 52 -4.12 5.42 7.79
N VAL A 53 -4.00 4.12 8.14
CA VAL A 53 -5.02 3.38 8.87
C VAL A 53 -4.37 2.91 10.17
N ASP A 54 -4.72 3.56 11.27
CA ASP A 54 -4.05 3.35 12.54
C ASP A 54 -5.00 2.71 13.54
N GLY A 55 -4.45 1.90 14.45
CA GLY A 55 -5.22 1.41 15.56
C GLY A 55 -5.88 0.05 15.36
N LYS A 56 -5.79 -0.48 14.15
CA LYS A 56 -6.50 -1.73 13.83
C LYS A 56 -5.69 -3.04 13.87
N ASN A 57 -4.47 -2.99 14.41
CA ASN A 57 -3.66 -4.23 14.57
C ASN A 57 -3.46 -4.93 13.23
N ALA A 58 -3.18 -4.17 12.17
CA ALA A 58 -2.85 -4.75 10.88
C ALA A 58 -1.60 -5.64 10.98
N SER A 59 -1.72 -6.85 10.39
CA SER A 59 -0.59 -7.74 10.22
C SER A 59 0.06 -7.62 8.84
N PHE A 60 -0.77 -7.46 7.81
CA PHE A 60 -0.22 -7.39 6.46
C PHE A 60 -1.21 -6.69 5.51
N VAL A 61 -0.67 -6.27 4.36
CA VAL A 61 -1.44 -5.77 3.24
C VAL A 61 -1.20 -6.67 2.01
N LYS A 62 -2.28 -7.04 1.32
CA LYS A 62 -2.18 -7.91 0.17
C LYS A 62 -2.92 -7.25 -0.99
N MET A 63 -2.21 -7.17 -2.12
CA MET A 63 -2.81 -6.78 -3.40
C MET A 63 -3.32 -8.07 -4.04
N GLN A 64 -4.61 -8.30 -3.98
CA GLN A 64 -5.16 -9.62 -4.31
C GLN A 64 -5.45 -9.82 -5.78
N THR A 65 -5.53 -11.09 -6.16
CA THR A 65 -5.89 -11.43 -7.53
C THR A 65 -7.35 -11.07 -7.88
N ASP A 66 -8.20 -10.75 -6.89
CA ASP A 66 -9.54 -10.20 -7.21
C ASP A 66 -9.56 -8.69 -7.49
N GLY A 67 -8.39 -8.06 -7.45
CA GLY A 67 -8.30 -6.60 -7.70
C GLY A 67 -8.39 -5.80 -6.42
N ASN A 68 -8.85 -6.40 -5.35
CA ASN A 68 -8.97 -5.71 -4.06
C ASN A 68 -7.63 -5.63 -3.37
N CYS A 69 -7.29 -4.47 -2.81
CA CYS A 69 -6.12 -4.30 -1.97
C CYS A 69 -6.53 -4.21 -0.52
N VAL A 70 -6.07 -5.17 0.31
CA VAL A 70 -6.70 -5.43 1.59
C VAL A 70 -5.65 -5.48 2.67
N GLY A 71 -5.94 -4.82 3.79
CA GLY A 71 -5.14 -4.97 5.02
C GLY A 71 -5.88 -5.92 5.95
N TYR A 72 -5.11 -6.89 6.51
CA TYR A 72 -5.67 -7.93 7.40
C TYR A 72 -5.01 -7.90 8.76
N ASP A 73 -5.78 -8.24 9.79
CA ASP A 73 -5.19 -8.44 11.13
C ASP A 73 -4.58 -9.89 11.18
N PRO A 74 -3.94 -10.28 12.30
CA PRO A 74 -3.29 -11.62 12.32
C PRO A 74 -4.30 -12.75 12.24
N ASN A 75 -5.58 -12.51 12.41
CA ASN A 75 -6.62 -13.50 12.41
C ASN A 75 -7.29 -13.63 11.04
N GLY A 76 -6.83 -12.83 10.08
CA GLY A 76 -7.38 -12.84 8.72
C GLY A 76 -8.63 -11.98 8.56
N THR A 77 -8.94 -11.14 9.56
CA THR A 77 -10.04 -10.16 9.44
C THR A 77 -9.56 -8.92 8.69
N ALA A 78 -10.35 -8.50 7.70
CA ALA A 78 -10.02 -7.28 6.94
C ALA A 78 -10.14 -6.00 7.78
N VAL A 79 -9.05 -5.23 7.84
CA VAL A 79 -9.08 -3.96 8.56
C VAL A 79 -9.03 -2.75 7.64
N TRP A 80 -8.83 -2.97 6.34
CA TRP A 80 -8.76 -1.86 5.34
C TRP A 80 -8.96 -2.48 3.97
N HIS A 81 -9.71 -1.87 3.07
CA HIS A 81 -9.73 -2.33 1.70
C HIS A 81 -10.05 -1.19 0.75
N THR A 82 -9.42 -1.23 -0.40
CA THR A 82 -9.62 -0.25 -1.47
C THR A 82 -10.92 -0.46 -2.27
N ALA A 83 -11.57 -1.60 -2.09
CA ALA A 83 -12.83 -1.90 -2.80
C ALA A 83 -12.73 -1.70 -4.31
N THR A 84 -11.62 -2.20 -4.85
CA THR A 84 -11.27 -2.07 -6.23
C THR A 84 -11.48 -3.35 -7.06
N ASN A 85 -12.16 -4.35 -6.47
CA ASN A 85 -12.44 -5.66 -7.07
C ASN A 85 -12.90 -5.45 -8.50
N GLY A 86 -12.29 -6.16 -9.42
CA GLY A 86 -12.71 -6.15 -10.80
C GLY A 86 -11.91 -7.15 -11.62
N ASP A 87 -12.14 -7.10 -12.92
CA ASP A 87 -11.54 -8.05 -13.88
C ASP A 87 -10.48 -7.41 -14.79
N ASP A 88 -10.09 -6.16 -14.50
CA ASP A 88 -9.15 -5.42 -15.36
C ASP A 88 -7.68 -5.70 -14.95
N HIS A 89 -7.30 -6.97 -15.05
CA HIS A 89 -5.95 -7.44 -14.69
C HIS A 89 -4.91 -6.96 -15.72
N PRO A 90 -3.67 -6.72 -15.25
CA PRO A 90 -3.19 -6.91 -13.86
C PRO A 90 -3.49 -5.70 -12.98
N TYR A 91 -3.62 -5.90 -11.68
CA TYR A 91 -3.73 -4.79 -10.70
C TYR A 91 -2.42 -4.61 -9.98
N ASN A 92 -2.07 -3.38 -9.62
CA ASN A 92 -0.84 -3.11 -8.92
C ASN A 92 -1.07 -2.00 -7.96
N LEU A 93 -0.42 -2.00 -6.81
CA LEU A 93 -0.46 -0.86 -5.89
C LEU A 93 0.90 -0.19 -6.00
N VAL A 94 0.90 1.12 -6.35
CA VAL A 94 2.16 1.79 -6.60
C VAL A 94 2.36 2.97 -5.65
N CYS A 95 3.55 3.01 -5.04
CA CYS A 95 3.98 4.07 -4.11
C CYS A 95 4.82 5.02 -4.95
N GLN A 96 4.25 6.19 -5.30
CA GLN A 96 4.86 7.06 -6.32
C GLN A 96 5.72 8.18 -5.71
N ASN A 97 6.67 8.67 -6.52
CA ASN A 97 7.50 9.79 -6.13
C ASN A 97 6.69 11.07 -5.82
N ASP A 98 5.49 11.17 -6.39
CA ASP A 98 4.68 12.39 -6.15
C ASP A 98 3.95 12.35 -4.81
N GLY A 99 4.03 11.16 -4.14
CA GLY A 99 3.45 11.03 -2.82
C GLY A 99 2.16 10.25 -2.82
N ASN A 100 1.62 10.08 -4.02
CA ASN A 100 0.34 9.40 -4.17
C ASN A 100 0.58 7.88 -4.10
N LEU A 101 -0.38 7.20 -3.47
CA LEU A 101 -0.36 5.70 -3.42
C LEU A 101 -1.61 5.34 -4.24
N VAL A 102 -1.40 4.53 -5.28
CA VAL A 102 -2.39 4.31 -6.29
C VAL A 102 -2.59 2.82 -6.59
N VAL A 103 -3.86 2.39 -6.66
CA VAL A 103 -4.22 1.07 -7.25
C VAL A 103 -4.52 1.30 -8.71
N TYR A 104 -3.67 0.79 -9.57
CA TYR A 104 -3.82 0.81 -11.00
C TYR A 104 -4.40 -0.51 -11.52
N ALA A 105 -5.39 -0.45 -12.38
CA ALA A 105 -5.87 -1.54 -13.20
C ALA A 105 -5.14 -1.52 -14.53
N LYS A 106 -5.47 -2.48 -15.40
CA LYS A 106 -4.82 -2.60 -16.69
C LYS A 106 -4.64 -1.25 -17.38
N GLY A 107 -3.51 -1.05 -18.03
CA GLY A 107 -3.37 0.11 -18.90
C GLY A 107 -3.11 1.38 -18.12
N GLY A 108 -2.67 1.24 -16.87
CA GLY A 108 -2.41 2.41 -16.03
C GLY A 108 -3.63 3.22 -15.65
N LYS A 109 -4.77 2.55 -15.51
CA LYS A 109 -6.03 3.16 -15.07
C LYS A 109 -6.10 3.23 -13.54
N ALA A 110 -6.02 4.45 -12.97
CA ALA A 110 -6.08 4.60 -11.54
C ALA A 110 -7.52 4.33 -11.13
N VAL A 111 -7.72 3.34 -10.25
CA VAL A 111 -9.06 3.05 -9.72
C VAL A 111 -9.24 3.33 -8.21
N TRP A 112 -8.15 3.71 -7.57
CA TRP A 112 -8.14 4.14 -6.19
C TRP A 112 -6.83 4.87 -5.91
N HIS A 113 -6.91 5.89 -5.07
CA HIS A 113 -5.70 6.57 -4.66
C HIS A 113 -5.88 7.21 -3.29
N THR A 114 -4.75 7.50 -2.68
CA THR A 114 -4.76 8.20 -1.41
C THR A 114 -5.08 9.69 -1.56
N ASN A 115 -4.87 10.24 -2.76
CA ASN A 115 -5.01 11.68 -3.01
C ASN A 115 -4.00 12.40 -2.13
N THR A 116 -2.73 12.06 -2.31
CA THR A 116 -1.65 12.62 -1.53
C THR A 116 -0.44 12.88 -2.45
N ALA A 117 -0.75 13.36 -3.68
CA ALA A 117 0.28 13.78 -4.66
C ALA A 117 0.78 15.19 -4.32
N VAL A 118 1.57 15.26 -3.25
CA VAL A 118 2.01 16.51 -2.66
C VAL A 118 3.35 16.98 -3.15
N VAL A 119 4.14 16.13 -3.80
CA VAL A 119 5.45 16.53 -4.32
C VAL A 119 5.29 16.97 -5.78
C1 BMA B . -13.83 -9.09 -0.52
C2 BMA B . -12.57 -9.83 -0.98
C3 BMA B . -11.94 -10.43 0.25
C4 BMA B . -11.69 -9.37 1.34
C5 BMA B . -12.97 -8.59 1.66
C6 BMA B . -12.70 -7.52 2.72
O1 BMA B . -14.42 -8.56 -1.71
O2 BMA B . -11.69 -8.95 -1.69
O3 BMA B . -10.72 -11.09 -0.15
O4 BMA B . -11.22 -9.97 2.54
O5 BMA B . -13.46 -8.06 0.42
O6 BMA B . -13.30 -6.25 2.44
C1 GOL C . -8.62 -5.77 16.79
O1 GOL C . -7.45 -6.59 17.00
C2 GOL C . -8.44 -4.95 15.53
O2 GOL C . -7.90 -5.86 14.55
C3 GOL C . -9.81 -4.32 15.23
O3 GOL C . -9.83 -3.32 14.18
C1 MAN D . -2.26 12.08 -9.85
C2 MAN D . -0.94 11.33 -10.00
C3 MAN D . -1.16 10.16 -10.97
C4 MAN D . -2.29 9.26 -10.45
C5 MAN D . -3.57 10.10 -10.27
C6 MAN D . -4.66 9.28 -9.62
O1 MAN D . -2.62 12.70 -11.06
O2 MAN D . -0.53 10.92 -8.73
O3 MAN D . 0.05 9.42 -11.03
O4 MAN D . -2.51 8.21 -11.38
O5 MAN D . -3.32 11.23 -9.45
O6 MAN D . -5.87 10.01 -9.63
#